data_1DE9
#
_entry.id   1DE9
#
_cell.length_a   90.06
_cell.length_b   98.35
_cell.length_c   101.05
_cell.angle_alpha   90.0
_cell.angle_beta   90.0
_cell.angle_gamma   90.0
#
_symmetry.space_group_name_H-M   'P 21 21 21'
#
loop_
_entity.id
_entity.type
_entity.pdbx_description
1 polymer "5'-d(*CP*TP*AP*C)-3'"
2 polymer "5'-d(P*(3DR)P*GP*AP*TP*C)-3'"
3 polymer "5'-d(*GP*AP*TP*CP*GP*GP*TP*AP*G)-3'"
4 polymer 'MAJOR APURINIC/APYRIMIDINIC ENDONUCLEASE'
5 non-polymer 'MANGANESE (II) ION'
#
loop_
_entity_poly.entity_id
_entity_poly.type
_entity_poly.pdbx_seq_one_letter_code
_entity_poly.pdbx_strand_id
1 'polydeoxyribonucleotide' (DC)(DT)(DA)(DC) X,U
2 'polydeoxyribonucleotide' (3DR)(DG)(DA)(DT)(DC) Y,V
3 'polydeoxyribonucleotide' (DG)(DA)(DT)(DC)(DG)(DG)(DT)(DA)(DG) Z,W
4 'polypeptide(L)'
;ALYEDPPDHKTSPSGKPATLKICSWNVDGLRAWIKKKGLDWVKEEAPDILCLQETKCSENKLPAELQELPGLSHQYWSAP
SDKEGYSGVGLLSRQCPLKVSYGIGDEEHDQEGRVIVAEFDSFVLVTAYVPNAGRGLVRLEYRQRWDEAFRKFLKGLASR
KPLVLCGDLNVAHEEIDLRNPKGNKKNAGFTPQERQGFGELLQAVPLADSFRHLYPNTPYAYTFWTYMMNARSKNVGWRL
DYFLLSHSLLPALCDSKIRSKALGSDHCPITLYLAL
;
A,B
#
loop_
_chem_comp.id
_chem_comp.type
_chem_comp.name
_chem_comp.formula
3DR DNA linking 1',2'-DIDEOXYRIBOFURANOSE-5'-PHOSPHATE 'C5 H11 O6 P'
DA DNA linking 2'-DEOXYADENOSINE-5'-MONOPHOSPHATE 'C10 H14 N5 O6 P'
DC DNA linking 2'-DEOXYCYTIDINE-5'-MONOPHOSPHATE 'C9 H14 N3 O7 P'
DG DNA linking 2'-DEOXYGUANOSINE-5'-MONOPHOSPHATE 'C10 H14 N5 O7 P'
DT DNA linking THYMIDINE-5'-MONOPHOSPHATE 'C10 H15 N2 O8 P'
MN non-polymer 'MANGANESE (II) ION' 'Mn 2'
#
# COMPACT_ATOMS: atom_id res chain seq x y z
O5' 3DR B 1 -28.90 6.98 -12.26
P 3DR B 1 -28.47 5.65 -13.03
OP1 3DR B 1 -27.12 6.05 -13.51
OP2 3DR B 1 -29.52 5.63 -14.06
OP3 3DR B 1 -28.55 4.63 -11.95
C2' 3DR B 1 -28.66 9.04 -8.38
C5' 3DR B 1 -28.05 7.55 -11.26
C4' 3DR B 1 -28.66 8.84 -10.74
O4' 3DR B 1 -29.99 8.57 -10.24
C1' 3DR B 1 -30.08 8.97 -8.88
C3' 3DR B 1 -27.91 9.52 -9.61
O3' 3DR B 1 -28.07 10.93 -9.73
O5' 3DR E 1 43.39 4.08 12.71
P 3DR E 1 42.37 4.06 11.49
OP1 3DR E 1 43.12 3.17 10.56
OP2 3DR E 1 42.39 5.50 11.11
OP3 3DR E 1 41.13 3.53 12.10
C2' 3DR E 1 44.69 1.96 16.75
C5' 3DR E 1 44.08 2.89 13.15
C4' 3DR E 1 44.44 3.01 14.63
O4' 3DR E 1 43.23 3.26 15.38
C1' 3DR E 1 43.29 2.58 16.63
C3' 3DR E 1 45.10 1.80 15.29
O3' 3DR E 1 46.51 1.97 15.19
N ALA G 1 -16.07 3.02 10.35
CA ALA G 1 -16.90 1.79 10.30
C ALA G 1 -18.19 2.01 9.48
N LEU G 2 -18.03 2.49 8.25
CA LEU G 2 -19.16 2.75 7.37
C LEU G 2 -19.89 1.47 6.94
N TYR G 3 -19.38 0.79 5.91
CA TYR G 3 -20.05 -0.42 5.47
C TYR G 3 -19.21 -1.57 4.91
N GLU G 4 -19.51 -2.76 5.41
CA GLU G 4 -18.88 -4.02 5.02
C GLU G 4 -20.00 -5.07 5.02
N ASP G 5 -20.28 -5.62 3.83
CA ASP G 5 -21.33 -6.62 3.60
C ASP G 5 -21.06 -7.93 4.36
N PRO G 6 -22.03 -8.39 5.15
CA PRO G 6 -21.88 -9.63 5.92
C PRO G 6 -21.68 -10.89 5.06
N PRO G 7 -21.16 -11.96 5.65
CA PRO G 7 -20.91 -13.22 4.95
C PRO G 7 -22.20 -13.78 4.36
N ASP G 8 -22.09 -14.38 3.19
CA ASP G 8 -23.23 -14.95 2.50
C ASP G 8 -23.89 -16.04 3.31
N HIS G 9 -25.19 -15.88 3.59
CA HIS G 9 -25.98 -16.87 4.33
C HIS G 9 -26.71 -17.73 3.29
N LYS G 10 -26.16 -18.92 3.05
CA LYS G 10 -26.65 -19.87 2.05
C LYS G 10 -27.78 -20.81 2.47
N THR G 11 -28.62 -20.38 3.40
CA THR G 11 -29.72 -21.20 3.87
C THR G 11 -30.98 -20.39 4.14
N SER G 12 -32.12 -20.95 3.76
CA SER G 12 -33.40 -20.29 3.98
C SER G 12 -33.73 -20.30 5.47
N PRO G 13 -34.80 -19.59 5.87
CA PRO G 13 -35.20 -19.54 7.27
C PRO G 13 -35.44 -20.93 7.86
N SER G 14 -35.98 -21.84 7.05
CA SER G 14 -36.27 -23.21 7.50
C SER G 14 -35.10 -24.18 7.50
N GLY G 15 -33.93 -23.72 7.06
CA GLY G 15 -32.75 -24.58 7.06
C GLY G 15 -32.26 -25.17 5.74
N LYS G 16 -32.99 -24.99 4.65
CA LYS G 16 -32.58 -25.53 3.35
C LYS G 16 -31.55 -24.72 2.59
N PRO G 17 -30.59 -25.39 1.95
CA PRO G 17 -29.54 -24.72 1.18
C PRO G 17 -30.09 -24.00 -0.03
N ALA G 18 -29.46 -22.85 -0.33
CA ALA G 18 -29.83 -22.02 -1.47
C ALA G 18 -29.64 -22.85 -2.73
N THR G 19 -30.69 -22.93 -3.53
CA THR G 19 -30.64 -23.73 -4.76
C THR G 19 -30.46 -22.87 -6.01
N LEU G 20 -30.67 -21.56 -5.84
CA LEU G 20 -30.57 -20.58 -6.94
C LEU G 20 -29.79 -19.34 -6.52
N LYS G 21 -29.14 -18.70 -7.50
CA LYS G 21 -28.34 -17.51 -7.25
C LYS G 21 -28.48 -16.55 -8.44
N ILE G 22 -29.07 -15.38 -8.18
CA ILE G 22 -29.27 -14.38 -9.21
C ILE G 22 -28.47 -13.14 -8.92
N CYS G 23 -27.71 -12.70 -9.92
CA CYS G 23 -26.93 -11.48 -9.74
C CYS G 23 -27.39 -10.39 -10.71
N SER G 24 -27.65 -9.20 -10.16
CA SER G 24 -28.10 -8.07 -10.96
C SER G 24 -26.97 -7.05 -10.93
N TRP G 25 -26.85 -6.23 -11.98
CA TRP G 25 -25.77 -5.25 -12.01
C TRP G 25 -25.90 -4.18 -13.10
N ASN G 26 -25.96 -2.91 -12.67
CA ASN G 26 -26.01 -1.80 -13.62
C ASN G 26 -24.54 -1.60 -13.96
N VAL G 27 -24.20 -1.72 -15.24
CA VAL G 27 -22.82 -1.62 -15.68
C VAL G 27 -22.37 -0.31 -16.31
N ASP G 28 -23.30 0.62 -16.53
CA ASP G 28 -22.98 1.91 -17.14
C ASP G 28 -22.03 1.68 -18.32
N GLY G 29 -22.55 1.03 -19.36
CA GLY G 29 -21.76 0.72 -20.54
C GLY G 29 -21.23 -0.69 -20.48
N LEU G 30 -21.83 -1.60 -21.25
CA LEU G 30 -21.42 -3.00 -21.27
C LEU G 30 -19.98 -3.19 -21.71
N ARG G 31 -19.66 -2.73 -22.92
CA ARG G 31 -18.30 -2.88 -23.45
C ARG G 31 -17.26 -2.30 -22.53
N ALA G 32 -17.45 -1.05 -22.12
CA ALA G 32 -16.52 -0.38 -21.21
C ALA G 32 -16.31 -1.21 -19.96
N TRP G 33 -17.38 -1.84 -19.50
CA TRP G 33 -17.38 -2.68 -18.30
C TRP G 33 -16.56 -3.96 -18.46
N ILE G 34 -16.67 -4.59 -19.63
CA ILE G 34 -15.92 -5.81 -19.90
C ILE G 34 -14.44 -5.47 -19.97
N LYS G 35 -14.13 -4.34 -20.60
CA LYS G 35 -12.77 -3.83 -20.75
C LYS G 35 -12.16 -3.73 -19.35
N LYS G 36 -13.00 -3.35 -18.39
CA LYS G 36 -12.59 -3.20 -17.00
C LYS G 36 -12.63 -4.56 -16.29
N LYS G 37 -12.61 -5.63 -17.11
CA LYS G 37 -12.62 -7.01 -16.65
C LYS G 37 -13.81 -7.41 -15.77
N GLY G 38 -14.98 -6.89 -16.13
CA GLY G 38 -16.20 -7.17 -15.40
C GLY G 38 -16.63 -8.62 -15.41
N LEU G 39 -16.26 -9.34 -16.46
CA LEU G 39 -16.59 -10.75 -16.60
C LEU G 39 -15.82 -11.61 -15.62
N ASP G 40 -14.56 -11.24 -15.40
CA ASP G 40 -13.69 -11.97 -14.48
C ASP G 40 -14.33 -12.11 -13.10
N TRP G 41 -15.10 -11.10 -12.73
CA TRP G 41 -15.79 -11.11 -11.46
C TRP G 41 -17.06 -11.95 -11.51
N VAL G 42 -17.82 -11.82 -12.60
CA VAL G 42 -19.05 -12.57 -12.77
C VAL G 42 -18.77 -14.06 -12.90
N LYS G 43 -17.72 -14.38 -13.64
CA LYS G 43 -17.31 -15.76 -13.88
C LYS G 43 -16.87 -16.35 -12.54
N GLU G 44 -16.39 -15.48 -11.66
CA GLU G 44 -15.96 -15.87 -10.34
C GLU G 44 -17.17 -16.08 -9.44
N GLU G 45 -18.05 -15.08 -9.38
CA GLU G 45 -19.26 -15.17 -8.56
C GLU G 45 -20.23 -16.22 -9.11
N ALA G 46 -19.99 -16.62 -10.36
CA ALA G 46 -20.77 -17.63 -11.07
C ALA G 46 -22.23 -17.72 -10.67
N PRO G 47 -23.01 -16.67 -10.95
CA PRO G 47 -24.43 -16.70 -10.59
C PRO G 47 -25.17 -17.65 -11.53
N ASP G 48 -26.33 -18.13 -11.08
CA ASP G 48 -27.15 -19.01 -11.89
C ASP G 48 -27.80 -18.18 -13.00
N ILE G 49 -28.05 -16.90 -12.69
CA ILE G 49 -28.64 -15.96 -13.63
C ILE G 49 -27.98 -14.61 -13.48
N LEU G 50 -27.80 -13.94 -14.60
CA LEU G 50 -27.17 -12.62 -14.62
C LEU G 50 -28.08 -11.58 -15.26
N CYS G 51 -28.36 -10.52 -14.52
CA CYS G 51 -29.21 -9.43 -14.99
C CYS G 51 -28.36 -8.17 -15.03
N LEU G 52 -28.40 -7.48 -16.16
CA LEU G 52 -27.63 -6.26 -16.34
C LEU G 52 -28.48 -5.11 -16.83
N GLN G 53 -28.13 -3.92 -16.37
CA GLN G 53 -28.83 -2.70 -16.74
C GLN G 53 -27.83 -1.72 -17.38
N GLU G 54 -28.32 -0.77 -18.17
CA GLU G 54 -27.48 0.20 -18.86
C GLU G 54 -26.38 -0.49 -19.67
N THR G 55 -26.78 -1.41 -20.53
CA THR G 55 -25.82 -2.15 -21.37
C THR G 55 -25.32 -1.26 -22.49
N LYS G 56 -26.24 -0.47 -23.06
CA LYS G 56 -25.91 0.45 -24.13
C LYS G 56 -25.14 -0.26 -25.24
N CYS G 57 -25.78 -1.27 -25.83
CA CYS G 57 -25.15 -2.03 -26.90
C CYS G 57 -26.08 -2.10 -28.11
N SER G 58 -26.43 -0.90 -28.56
CA SER G 58 -27.32 -0.68 -29.70
C SER G 58 -26.64 -0.67 -31.08
N GLU G 59 -25.56 -1.44 -31.22
CA GLU G 59 -24.86 -1.53 -32.49
C GLU G 59 -25.05 -2.93 -33.11
N ASN G 60 -25.96 -3.71 -32.50
CA ASN G 60 -26.29 -5.09 -32.93
C ASN G 60 -25.09 -6.01 -32.76
N LYS G 61 -24.05 -5.45 -32.17
CA LYS G 61 -22.82 -6.16 -31.96
C LYS G 61 -22.47 -6.19 -30.48
N LEU G 62 -22.66 -7.36 -29.90
CA LEU G 62 -22.37 -7.62 -28.49
C LEU G 62 -20.99 -8.28 -28.46
N PRO G 63 -20.16 -7.96 -27.45
CA PRO G 63 -18.81 -8.51 -27.32
C PRO G 63 -18.69 -10.04 -27.48
N ALA G 64 -17.55 -10.46 -28.01
CA ALA G 64 -17.24 -11.86 -28.23
C ALA G 64 -17.15 -12.67 -26.95
N GLU G 65 -16.43 -12.15 -25.96
CA GLU G 65 -16.27 -12.85 -24.69
C GLU G 65 -17.59 -13.34 -24.11
N LEU G 66 -18.71 -12.74 -24.53
CA LEU G 66 -20.03 -13.12 -24.04
C LEU G 66 -20.46 -14.52 -24.44
N GLN G 67 -20.02 -14.95 -25.62
CA GLN G 67 -20.35 -16.28 -26.10
C GLN G 67 -19.40 -17.30 -25.47
N GLU G 68 -18.40 -16.77 -24.78
CA GLU G 68 -17.38 -17.56 -24.10
C GLU G 68 -17.85 -17.71 -22.63
N LEU G 69 -19.14 -17.95 -22.45
CA LEU G 69 -19.78 -18.13 -21.14
C LEU G 69 -20.64 -19.38 -21.20
N PRO G 70 -20.18 -20.47 -20.57
CA PRO G 70 -20.89 -21.75 -20.54
C PRO G 70 -22.04 -21.78 -19.54
N GLY G 71 -21.88 -21.06 -18.42
CA GLY G 71 -22.91 -21.03 -17.39
C GLY G 71 -24.03 -20.02 -17.60
N LEU G 72 -23.96 -19.28 -18.69
CA LEU G 72 -24.96 -18.28 -19.00
C LEU G 72 -25.17 -18.29 -20.51
N SER G 73 -25.30 -19.51 -21.04
CA SER G 73 -25.49 -19.74 -22.48
C SER G 73 -26.73 -19.02 -23.02
N HIS G 74 -27.87 -19.24 -22.37
CA HIS G 74 -29.12 -18.62 -22.77
C HIS G 74 -29.05 -17.15 -22.39
N GLN G 75 -28.94 -16.29 -23.38
CA GLN G 75 -28.83 -14.84 -23.15
C GLN G 75 -29.93 -14.05 -23.85
N TYR G 76 -30.53 -13.11 -23.11
CA TYR G 76 -31.61 -12.28 -23.64
C TYR G 76 -31.29 -10.82 -23.47
N TRP G 77 -31.63 -10.04 -24.50
CA TRP G 77 -31.36 -8.60 -24.50
C TRP G 77 -32.60 -7.78 -24.83
N SER G 78 -32.51 -6.48 -24.57
CA SER G 78 -33.57 -5.55 -24.88
C SER G 78 -32.96 -4.16 -24.88
N ALA G 79 -32.92 -3.55 -26.05
CA ALA G 79 -32.36 -2.21 -26.22
C ALA G 79 -33.41 -1.25 -26.80
N PRO G 80 -33.17 0.06 -26.68
CA PRO G 80 -34.12 1.05 -27.20
C PRO G 80 -34.39 0.91 -28.70
N SER G 81 -35.60 1.28 -29.12
CA SER G 81 -35.98 1.19 -30.52
C SER G 81 -35.35 2.30 -31.36
N ASP G 82 -35.06 3.44 -30.72
CA ASP G 82 -34.48 4.58 -31.42
C ASP G 82 -33.61 5.46 -30.50
N LYS G 83 -32.42 4.95 -30.16
CA LYS G 83 -31.48 5.65 -29.29
C LYS G 83 -30.18 4.86 -29.19
N GLU G 84 -29.12 5.40 -29.77
CA GLU G 84 -27.81 4.75 -29.74
C GLU G 84 -27.08 4.92 -28.43
N GLY G 85 -26.38 3.86 -28.02
CA GLY G 85 -25.61 3.86 -26.79
C GLY G 85 -26.30 4.44 -25.58
N TYR G 86 -27.56 4.10 -25.43
CA TYR G 86 -28.38 4.58 -24.33
C TYR G 86 -29.10 3.41 -23.70
N SER G 87 -29.42 3.54 -22.42
CA SER G 87 -30.13 2.52 -21.66
C SER G 87 -29.73 1.09 -22.07
N GLY G 88 -30.70 0.19 -22.13
CA GLY G 88 -30.43 -1.17 -22.53
C GLY G 88 -30.20 -2.10 -21.36
N VAL G 89 -30.84 -3.27 -21.44
CA VAL G 89 -30.71 -4.28 -20.40
C VAL G 89 -30.30 -5.63 -20.98
N GLY G 90 -30.25 -6.63 -20.11
CA GLY G 90 -29.87 -7.97 -20.51
C GLY G 90 -30.09 -8.96 -19.39
N LEU G 91 -30.32 -10.22 -19.77
CA LEU G 91 -30.56 -11.29 -18.81
C LEU G 91 -29.94 -12.59 -19.34
N LEU G 92 -28.93 -13.10 -18.63
CA LEU G 92 -28.25 -14.34 -19.01
C LEU G 92 -28.64 -15.42 -18.00
N SER G 93 -28.94 -16.62 -18.50
CA SER G 93 -29.37 -17.72 -17.63
C SER G 93 -28.64 -19.04 -17.84
N ARG G 94 -28.48 -19.81 -16.76
CA ARG G 94 -27.82 -21.12 -16.79
C ARG G 94 -28.75 -22.09 -17.51
N GLN G 95 -29.87 -22.40 -16.86
CA GLN G 95 -30.89 -23.28 -17.42
C GLN G 95 -31.70 -22.45 -18.38
N CYS G 96 -32.51 -23.11 -19.20
CA CYS G 96 -33.34 -22.40 -20.14
C CYS G 96 -34.69 -21.99 -19.56
N PRO G 97 -35.05 -20.70 -19.72
CA PRO G 97 -36.31 -20.11 -19.24
C PRO G 97 -37.53 -20.58 -20.05
N LEU G 98 -38.61 -20.91 -19.36
CA LEU G 98 -39.84 -21.37 -20.00
C LEU G 98 -40.23 -20.45 -21.14
N LYS G 99 -40.17 -19.15 -20.85
CA LYS G 99 -40.57 -18.13 -21.80
C LYS G 99 -39.99 -16.78 -21.42
N VAL G 100 -39.49 -16.04 -22.40
CA VAL G 100 -38.94 -14.71 -22.13
C VAL G 100 -39.58 -13.61 -23.00
N SER G 101 -40.25 -12.68 -22.33
CA SER G 101 -40.93 -11.55 -22.96
C SER G 101 -40.30 -10.20 -22.59
N TYR G 102 -40.48 -9.20 -23.47
CA TYR G 102 -39.90 -7.87 -23.26
C TYR G 102 -40.92 -6.76 -22.97
N GLY G 103 -40.47 -5.68 -22.35
CA GLY G 103 -41.35 -4.56 -22.05
C GLY G 103 -42.48 -4.87 -21.08
N ILE G 104 -43.32 -3.87 -20.80
CA ILE G 104 -44.44 -4.03 -19.86
C ILE G 104 -45.85 -4.06 -20.47
N GLY G 105 -45.93 -4.26 -21.78
CA GLY G 105 -47.21 -4.31 -22.44
C GLY G 105 -47.86 -2.96 -22.63
N ASP G 106 -47.07 -1.90 -22.50
CA ASP G 106 -47.57 -0.54 -22.67
C ASP G 106 -46.68 0.18 -23.69
N GLU G 107 -47.20 0.31 -24.89
CA GLU G 107 -46.49 0.92 -26.01
C GLU G 107 -45.66 2.18 -25.76
N GLU G 108 -46.01 2.98 -24.75
CA GLU G 108 -45.23 4.19 -24.51
C GLU G 108 -44.09 4.01 -23.50
N HIS G 109 -44.00 2.82 -22.92
CA HIS G 109 -42.97 2.53 -21.93
C HIS G 109 -42.02 1.43 -22.40
N ASP G 110 -42.37 0.80 -23.52
CA ASP G 110 -41.57 -0.28 -24.07
C ASP G 110 -40.60 0.16 -25.17
N GLN G 111 -40.35 1.46 -25.25
CA GLN G 111 -39.47 1.98 -26.29
C GLN G 111 -38.01 2.21 -25.91
N GLU G 112 -37.64 1.93 -24.67
CA GLU G 112 -36.25 2.19 -24.27
C GLU G 112 -35.45 0.99 -23.73
N GLY G 113 -35.89 -0.21 -24.08
CA GLY G 113 -35.21 -1.43 -23.63
C GLY G 113 -34.83 -1.40 -22.17
N ARG G 114 -35.84 -1.44 -21.30
CA ARG G 114 -35.61 -1.38 -19.87
C ARG G 114 -36.09 -2.62 -19.11
N VAL G 115 -36.97 -3.41 -19.74
CA VAL G 115 -37.54 -4.58 -19.08
C VAL G 115 -37.45 -5.90 -19.82
N ILE G 116 -37.09 -6.95 -19.08
CA ILE G 116 -36.98 -8.31 -19.61
C ILE G 116 -37.60 -9.23 -18.57
N VAL G 117 -38.69 -9.88 -18.98
CA VAL G 117 -39.40 -10.79 -18.09
C VAL G 117 -39.04 -12.24 -18.44
N ALA G 118 -38.55 -12.97 -17.44
CA ALA G 118 -38.14 -14.36 -17.61
C ALA G 118 -38.98 -15.28 -16.73
N GLU G 119 -39.87 -16.03 -17.36
CA GLU G 119 -40.76 -16.95 -16.64
C GLU G 119 -40.14 -18.34 -16.50
N PHE G 120 -40.08 -18.82 -15.25
CA PHE G 120 -39.53 -20.12 -14.94
C PHE G 120 -40.59 -21.06 -14.41
N ASP G 121 -40.18 -22.05 -13.65
CA ASP G 121 -41.09 -23.03 -13.09
C ASP G 121 -41.78 -22.54 -11.84
N SER G 122 -41.00 -22.32 -10.80
CA SER G 122 -41.50 -21.88 -9.50
C SER G 122 -41.81 -20.38 -9.40
N PHE G 123 -41.23 -19.58 -10.30
CA PHE G 123 -41.44 -18.13 -10.26
C PHE G 123 -41.25 -17.45 -11.62
N VAL G 124 -41.24 -16.12 -11.58
CA VAL G 124 -41.04 -15.26 -12.75
C VAL G 124 -40.05 -14.17 -12.33
N LEU G 125 -38.97 -14.04 -13.09
CA LEU G 125 -37.97 -13.02 -12.77
C LEU G 125 -38.06 -11.87 -13.75
N VAL G 126 -38.16 -10.66 -13.18
CA VAL G 126 -38.23 -9.44 -13.98
C VAL G 126 -37.04 -8.58 -13.59
N THR G 127 -36.20 -8.26 -14.56
CA THR G 127 -35.07 -7.39 -14.29
C THR G 127 -35.42 -6.06 -14.92
N ALA G 128 -35.04 -4.95 -14.29
CA ALA G 128 -35.40 -3.65 -14.85
C ALA G 128 -34.46 -2.46 -14.59
N TYR G 129 -34.52 -1.48 -15.51
CA TYR G 129 -33.76 -0.25 -15.39
C TYR G 129 -34.75 0.91 -15.50
N VAL G 130 -35.23 1.36 -14.34
CA VAL G 130 -36.20 2.45 -14.22
C VAL G 130 -35.75 3.78 -14.84
N PRO G 131 -36.67 4.46 -15.54
CA PRO G 131 -36.44 5.75 -16.20
C PRO G 131 -36.09 6.84 -15.19
N ASN G 132 -34.89 7.40 -15.33
CA ASN G 132 -34.42 8.45 -14.43
C ASN G 132 -35.12 9.79 -14.70
N ALA G 133 -35.57 10.44 -13.63
CA ALA G 133 -36.24 11.75 -13.72
C ALA G 133 -35.32 12.86 -14.27
N GLY G 134 -34.02 12.63 -14.22
CA GLY G 134 -33.05 13.59 -14.73
C GLY G 134 -32.78 14.78 -13.84
N ARG G 135 -31.83 15.63 -14.27
CA ARG G 135 -31.49 16.83 -13.53
C ARG G 135 -32.64 17.82 -13.62
N GLY G 136 -32.82 18.62 -12.58
CA GLY G 136 -33.89 19.60 -12.57
C GLY G 136 -35.26 18.94 -12.69
N LEU G 137 -35.30 17.64 -12.40
CA LEU G 137 -36.54 16.85 -12.44
C LEU G 137 -37.31 17.15 -13.71
N VAL G 138 -36.61 17.18 -14.83
CA VAL G 138 -37.20 17.48 -16.12
C VAL G 138 -38.23 16.45 -16.57
N ARG G 139 -37.97 15.20 -16.24
CA ARG G 139 -38.82 14.07 -16.64
C ARG G 139 -39.55 13.44 -15.44
N LEU G 140 -39.72 14.22 -14.38
CA LEU G 140 -40.39 13.73 -13.17
C LEU G 140 -41.83 13.34 -13.44
N GLU G 141 -42.55 14.19 -14.16
CA GLU G 141 -43.95 13.91 -14.47
C GLU G 141 -44.09 12.59 -15.24
N TYR G 142 -43.16 12.32 -16.14
CA TYR G 142 -43.21 11.09 -16.91
C TYR G 142 -42.91 9.87 -16.04
N ARG G 143 -41.88 9.99 -15.19
CA ARG G 143 -41.50 8.90 -14.28
C ARG G 143 -42.74 8.43 -13.54
N GLN G 144 -43.54 9.39 -13.08
CA GLN G 144 -44.78 9.09 -12.36
C GLN G 144 -45.72 8.26 -13.22
N ARG G 145 -45.76 8.54 -14.52
CA ARG G 145 -46.62 7.79 -15.41
C ARG G 145 -46.04 6.38 -15.58
N TRP G 146 -44.70 6.27 -15.52
CA TRP G 146 -44.03 5.00 -15.63
C TRP G 146 -44.38 4.11 -14.43
N ASP G 147 -44.08 4.62 -13.24
CA ASP G 147 -44.33 3.91 -11.98
C ASP G 147 -45.68 3.21 -11.88
N GLU G 148 -46.75 3.96 -12.07
CA GLU G 148 -48.10 3.41 -11.99
C GLU G 148 -48.24 2.25 -12.95
N ALA G 149 -48.02 2.53 -14.24
CA ALA G 149 -48.11 1.53 -15.28
C ALA G 149 -47.26 0.31 -14.94
N PHE G 150 -46.06 0.57 -14.43
CA PHE G 150 -45.14 -0.49 -14.08
C PHE G 150 -45.69 -1.39 -12.98
N ARG G 151 -46.04 -0.82 -11.83
CA ARG G 151 -46.57 -1.64 -10.75
C ARG G 151 -47.82 -2.36 -11.16
N LYS G 152 -48.63 -1.71 -12.00
CA LYS G 152 -49.87 -2.31 -12.49
C LYS G 152 -49.56 -3.53 -13.34
N PHE G 153 -48.45 -3.47 -14.05
CA PHE G 153 -48.03 -4.58 -14.89
C PHE G 153 -47.60 -5.77 -14.05
N LEU G 154 -46.70 -5.52 -13.11
CA LEU G 154 -46.16 -6.54 -12.22
C LEU G 154 -47.22 -7.20 -11.36
N LYS G 155 -48.23 -6.43 -10.94
CA LYS G 155 -49.32 -6.92 -10.12
C LYS G 155 -50.13 -8.00 -10.84
N GLY G 156 -50.16 -7.91 -12.17
CA GLY G 156 -50.87 -8.88 -12.99
C GLY G 156 -50.06 -10.14 -13.24
N LEU G 157 -48.73 -10.01 -13.09
CA LEU G 157 -47.82 -11.13 -13.27
C LEU G 157 -47.78 -11.97 -12.00
N ALA G 158 -47.64 -11.30 -10.86
CA ALA G 158 -47.59 -11.97 -9.56
C ALA G 158 -48.89 -12.70 -9.26
N SER G 159 -50.01 -12.16 -9.76
CA SER G 159 -51.33 -12.75 -9.56
C SER G 159 -51.37 -14.21 -10.00
N ARG G 160 -50.57 -14.53 -11.01
CA ARG G 160 -50.48 -15.86 -11.56
C ARG G 160 -49.36 -16.72 -10.96
N LYS G 161 -48.18 -16.12 -10.80
CA LYS G 161 -47.00 -16.84 -10.30
C LYS G 161 -46.05 -15.90 -9.51
N PRO G 162 -45.40 -16.41 -8.44
CA PRO G 162 -44.47 -15.63 -7.59
C PRO G 162 -43.48 -14.79 -8.37
N LEU G 163 -43.29 -13.55 -7.93
CA LEU G 163 -42.40 -12.61 -8.60
C LEU G 163 -41.13 -12.20 -7.87
N VAL G 164 -40.06 -12.07 -8.65
CA VAL G 164 -38.76 -11.65 -8.16
C VAL G 164 -38.36 -10.54 -9.12
N LEU G 165 -38.36 -9.31 -8.62
CA LEU G 165 -37.97 -8.15 -9.43
C LEU G 165 -36.61 -7.67 -8.99
N CYS G 166 -35.66 -7.66 -9.91
CA CYS G 166 -34.31 -7.22 -9.62
C CYS G 166 -33.94 -6.04 -10.51
N GLY G 167 -32.93 -5.29 -10.09
CA GLY G 167 -32.48 -4.18 -10.91
C GLY G 167 -32.45 -2.78 -10.35
N ASP G 168 -31.88 -1.87 -11.16
CA ASP G 168 -31.76 -0.47 -10.82
C ASP G 168 -33.19 0.08 -10.83
N LEU G 169 -33.75 0.27 -9.64
CA LEU G 169 -35.09 0.80 -9.50
C LEU G 169 -35.02 2.30 -9.32
N ASN G 170 -33.82 2.82 -9.48
CA ASN G 170 -33.52 4.25 -9.39
C ASN G 170 -34.26 5.03 -8.31
N VAL G 171 -34.07 4.66 -7.06
CA VAL G 171 -34.70 5.39 -5.96
C VAL G 171 -34.37 4.84 -4.59
N ALA G 172 -33.93 5.74 -3.72
CA ALA G 172 -33.63 5.40 -2.35
C ALA G 172 -34.97 5.51 -1.63
N HIS G 173 -35.56 4.35 -1.37
CA HIS G 173 -36.86 4.26 -0.71
C HIS G 173 -37.02 5.19 0.51
N GLU G 174 -36.41 4.81 1.63
CA GLU G 174 -36.47 5.60 2.86
C GLU G 174 -35.10 6.23 3.09
N GLU G 175 -35.05 7.24 3.96
CA GLU G 175 -33.82 7.98 4.26
C GLU G 175 -32.55 7.15 4.46
N ILE G 176 -32.69 5.98 5.08
CA ILE G 176 -31.56 5.09 5.35
C ILE G 176 -30.88 4.56 4.07
N ASP G 177 -31.58 4.73 2.94
CA ASP G 177 -31.12 4.27 1.62
C ASP G 177 -30.24 5.24 0.81
N LEU G 178 -29.60 6.19 1.50
CA LEU G 178 -28.70 7.17 0.88
C LEU G 178 -27.93 7.94 1.95
N ARG G 179 -26.78 8.51 1.58
CA ARG G 179 -25.96 9.25 2.52
C ARG G 179 -26.62 10.56 3.01
N ASN G 180 -26.81 11.53 2.12
CA ASN G 180 -27.44 12.81 2.50
C ASN G 180 -28.93 12.75 2.19
N PRO G 181 -29.76 12.34 3.17
CA PRO G 181 -31.20 12.27 2.93
C PRO G 181 -31.81 13.67 2.80
N LYS G 182 -31.42 14.55 3.72
CA LYS G 182 -31.93 15.92 3.75
C LYS G 182 -31.46 16.79 2.59
N GLY G 183 -30.23 16.56 2.11
CA GLY G 183 -29.71 17.36 1.02
C GLY G 183 -30.16 16.97 -0.38
N ASN G 184 -31.05 15.99 -0.47
CA ASN G 184 -31.53 15.50 -1.77
C ASN G 184 -33.05 15.41 -1.95
N LYS G 185 -33.83 15.96 -1.02
CA LYS G 185 -35.29 15.92 -1.12
C LYS G 185 -35.75 16.31 -2.53
N LYS G 186 -35.09 17.31 -3.09
CA LYS G 186 -35.43 17.83 -4.41
C LYS G 186 -34.54 17.31 -5.56
N ASN G 187 -33.67 16.35 -5.28
CA ASN G 187 -32.79 15.78 -6.32
C ASN G 187 -33.42 14.53 -6.93
N ALA G 188 -33.12 14.27 -8.20
CA ALA G 188 -33.64 13.10 -8.92
C ALA G 188 -33.17 11.78 -8.29
N GLY G 189 -34.13 10.96 -7.88
CA GLY G 189 -33.83 9.68 -7.27
C GLY G 189 -34.28 9.60 -5.82
N PHE G 190 -34.68 10.74 -5.24
CA PHE G 190 -35.14 10.78 -3.85
C PHE G 190 -36.25 11.78 -3.66
N THR G 191 -37.07 11.95 -4.69
CA THR G 191 -38.20 12.88 -4.62
C THR G 191 -39.29 12.20 -3.81
N PRO G 192 -40.24 12.98 -3.27
CA PRO G 192 -41.35 12.43 -2.50
C PRO G 192 -42.21 11.57 -3.40
N GLN G 193 -42.48 12.07 -4.60
CA GLN G 193 -43.28 11.39 -5.62
C GLN G 193 -42.69 10.02 -5.97
N GLU G 194 -41.37 9.97 -6.10
CA GLU G 194 -40.69 8.73 -6.43
C GLU G 194 -40.73 7.80 -5.23
N ARG G 195 -40.38 8.33 -4.07
CA ARG G 195 -40.37 7.54 -2.85
C ARG G 195 -41.75 6.93 -2.61
N GLN G 196 -42.77 7.72 -2.87
CA GLN G 196 -44.15 7.29 -2.70
C GLN G 196 -44.47 6.20 -3.71
N GLY G 197 -43.96 6.37 -4.93
CA GLY G 197 -44.19 5.37 -5.95
C GLY G 197 -43.59 4.03 -5.56
N PHE G 198 -42.44 4.05 -4.89
CA PHE G 198 -41.77 2.83 -4.47
C PHE G 198 -42.59 2.15 -3.38
N GLY G 199 -43.15 2.95 -2.49
CA GLY G 199 -43.98 2.41 -1.44
C GLY G 199 -45.20 1.81 -2.10
N GLU G 200 -45.68 2.44 -3.17
CA GLU G 200 -46.84 1.97 -3.91
C GLU G 200 -46.61 0.55 -4.43
N LEU G 201 -45.56 0.40 -5.24
CA LEU G 201 -45.17 -0.88 -5.83
C LEU G 201 -45.13 -2.00 -4.78
N LEU G 202 -44.51 -1.70 -3.64
CA LEU G 202 -44.37 -2.64 -2.55
C LEU G 202 -45.69 -3.14 -1.95
N GLN G 203 -46.61 -2.21 -1.67
CA GLN G 203 -47.90 -2.56 -1.06
C GLN G 203 -49.02 -2.99 -2.02
N ALA G 204 -48.80 -2.82 -3.32
CA ALA G 204 -49.81 -3.16 -4.32
C ALA G 204 -49.67 -4.53 -4.96
N VAL G 205 -48.43 -4.91 -5.27
CA VAL G 205 -48.15 -6.20 -5.91
C VAL G 205 -48.73 -7.39 -5.15
N PRO G 206 -48.29 -7.64 -3.90
CA PRO G 206 -47.29 -6.92 -3.11
C PRO G 206 -45.89 -7.52 -3.25
N LEU G 207 -44.89 -6.76 -2.82
CA LEU G 207 -43.50 -7.17 -2.89
C LEU G 207 -42.78 -6.86 -1.60
N ALA G 208 -41.60 -7.44 -1.43
CA ALA G 208 -40.78 -7.25 -0.25
C ALA G 208 -39.34 -6.95 -0.64
N ASP G 209 -38.80 -5.88 -0.08
CA ASP G 209 -37.41 -5.51 -0.35
C ASP G 209 -36.56 -6.51 0.42
N SER G 210 -35.92 -7.42 -0.31
CA SER G 210 -35.08 -8.49 0.26
C SER G 210 -34.08 -8.04 1.31
N PHE G 211 -33.21 -7.11 0.94
CA PHE G 211 -32.20 -6.61 1.85
C PHE G 211 -32.77 -5.86 3.04
N ARG G 212 -33.69 -4.94 2.79
CA ARG G 212 -34.27 -4.16 3.88
C ARG G 212 -35.19 -4.99 4.78
N HIS G 213 -35.38 -6.26 4.40
CA HIS G 213 -36.21 -7.20 5.17
C HIS G 213 -35.32 -8.01 6.09
N LEU G 214 -34.18 -8.44 5.56
CA LEU G 214 -33.20 -9.23 6.29
C LEU G 214 -32.36 -8.32 7.19
N TYR G 215 -32.13 -7.11 6.71
CA TYR G 215 -31.34 -6.10 7.41
C TYR G 215 -32.20 -4.84 7.59
N PRO G 216 -33.10 -4.88 8.59
CA PRO G 216 -34.05 -3.83 8.96
C PRO G 216 -33.47 -2.50 9.44
N ASN G 217 -32.37 -2.54 10.19
CA ASN G 217 -31.73 -1.34 10.72
C ASN G 217 -30.33 -1.00 10.20
N THR G 218 -29.79 -1.81 9.31
CA THR G 218 -28.44 -1.58 8.77
C THR G 218 -28.31 -0.35 7.89
N PRO G 219 -27.56 0.68 8.36
CA PRO G 219 -27.35 1.91 7.61
C PRO G 219 -26.01 1.91 6.83
N TYR G 220 -25.88 2.90 5.94
CA TYR G 220 -24.69 3.12 5.12
C TYR G 220 -24.44 2.07 4.04
N ALA G 221 -25.49 1.32 3.71
CA ALA G 221 -25.44 0.28 2.68
C ALA G 221 -25.94 0.89 1.37
N TYR G 222 -25.10 0.88 0.34
CA TYR G 222 -25.46 1.48 -0.95
C TYR G 222 -25.01 0.67 -2.16
N THR G 223 -25.59 0.96 -3.32
CA THR G 223 -25.22 0.26 -4.55
C THR G 223 -24.75 1.24 -5.61
N PHE G 224 -24.94 2.53 -5.36
CA PHE G 224 -24.53 3.56 -6.31
C PHE G 224 -23.63 4.61 -5.67
N TRP G 225 -22.68 5.11 -6.46
CA TRP G 225 -21.73 6.13 -6.03
C TRP G 225 -21.34 6.93 -7.24
N THR G 226 -21.64 8.22 -7.24
CA THR G 226 -21.27 9.06 -8.36
C THR G 226 -19.75 9.13 -8.48
N TYR G 227 -19.25 9.05 -9.71
CA TYR G 227 -17.81 9.10 -9.98
C TYR G 227 -17.23 10.48 -9.60
N MET G 228 -18.11 11.48 -9.49
CA MET G 228 -17.70 12.85 -9.14
C MET G 228 -17.29 12.98 -7.70
N MET G 229 -16.41 13.94 -7.43
CA MET G 229 -15.94 14.24 -6.09
C MET G 229 -15.43 13.03 -5.29
N ASN G 230 -15.01 11.98 -6.00
CA ASN G 230 -14.50 10.75 -5.38
C ASN G 230 -15.52 10.23 -4.35
N ALA G 231 -16.79 10.19 -4.75
CA ALA G 231 -17.87 9.74 -3.87
C ALA G 231 -17.76 8.32 -3.31
N ARG G 232 -17.33 7.38 -4.14
CA ARG G 232 -17.22 5.99 -3.70
C ARG G 232 -16.20 5.82 -2.57
N SER G 233 -15.17 6.66 -2.57
CA SER G 233 -14.10 6.63 -1.56
C SER G 233 -14.61 7.00 -0.18
N LYS G 234 -15.54 7.95 -0.13
CA LYS G 234 -16.13 8.43 1.11
C LYS G 234 -17.43 7.72 1.45
N ASN G 235 -17.81 6.77 0.60
CA ASN G 235 -19.04 5.99 0.74
C ASN G 235 -20.28 6.88 0.69
N VAL G 236 -20.22 7.91 -0.14
CA VAL G 236 -21.34 8.82 -0.33
C VAL G 236 -22.14 8.26 -1.50
N GLY G 237 -22.95 7.25 -1.19
CA GLY G 237 -23.73 6.60 -2.22
C GLY G 237 -25.19 6.41 -1.91
N TRP G 238 -25.87 5.81 -2.88
CA TRP G 238 -27.30 5.53 -2.81
C TRP G 238 -27.55 4.04 -3.02
N ARG G 239 -28.70 3.58 -2.54
CA ARG G 239 -29.08 2.20 -2.72
C ARG G 239 -30.24 2.22 -3.73
N LEU G 240 -29.90 1.98 -4.99
CA LEU G 240 -30.87 2.00 -6.09
C LEU G 240 -31.10 0.64 -6.73
N ASP G 241 -30.31 -0.34 -6.33
CA ASP G 241 -30.45 -1.68 -6.88
C ASP G 241 -31.11 -2.60 -5.86
N TYR G 242 -32.29 -3.10 -6.22
CA TYR G 242 -33.05 -3.98 -5.33
C TYR G 242 -33.37 -5.35 -5.88
N PHE G 243 -33.89 -6.17 -4.96
CA PHE G 243 -34.31 -7.54 -5.21
C PHE G 243 -35.63 -7.64 -4.46
N LEU G 244 -36.73 -7.26 -5.10
CA LEU G 244 -38.04 -7.32 -4.46
C LEU G 244 -38.66 -8.68 -4.73
N LEU G 245 -39.19 -9.29 -3.67
CA LEU G 245 -39.78 -10.62 -3.77
C LEU G 245 -41.22 -10.68 -3.29
N SER G 246 -42.00 -11.60 -3.87
CA SER G 246 -43.38 -11.80 -3.44
C SER G 246 -43.25 -12.37 -2.03
N HIS G 247 -44.25 -12.11 -1.19
CA HIS G 247 -44.25 -12.58 0.20
C HIS G 247 -44.06 -14.09 0.35
N SER G 248 -44.64 -14.87 -0.56
CA SER G 248 -44.52 -16.34 -0.53
C SER G 248 -43.10 -16.83 -0.80
N LEU G 249 -42.23 -15.92 -1.26
CA LEU G 249 -40.84 -16.24 -1.54
C LEU G 249 -39.94 -15.96 -0.34
N LEU G 250 -40.52 -15.36 0.70
CA LEU G 250 -39.80 -15.04 1.92
C LEU G 250 -39.27 -16.28 2.69
N PRO G 251 -40.01 -17.40 2.66
CA PRO G 251 -39.50 -18.58 3.37
C PRO G 251 -38.37 -19.23 2.55
N ALA G 252 -38.30 -18.82 1.28
CA ALA G 252 -37.30 -19.32 0.34
C ALA G 252 -36.06 -18.43 0.36
N LEU G 253 -36.16 -17.27 1.01
CA LEU G 253 -35.06 -16.31 1.06
C LEU G 253 -33.90 -16.69 1.98
N CYS G 254 -32.74 -16.90 1.35
CA CYS G 254 -31.53 -17.26 2.07
C CYS G 254 -30.73 -16.03 2.42
N ASP G 255 -30.50 -15.15 1.44
CA ASP G 255 -29.76 -13.91 1.66
C ASP G 255 -29.72 -12.98 0.45
N SER G 256 -29.70 -11.67 0.73
CA SER G 256 -29.61 -10.64 -0.30
C SER G 256 -28.29 -9.93 -0.04
N LYS G 257 -27.41 -9.92 -1.05
CA LYS G 257 -26.10 -9.33 -0.90
C LYS G 257 -25.75 -8.08 -1.72
N ILE G 258 -24.84 -7.29 -1.18
CA ILE G 258 -24.36 -6.06 -1.81
C ILE G 258 -22.85 -6.20 -2.05
N ARG G 259 -22.49 -6.41 -3.31
CA ARG G 259 -21.09 -6.59 -3.72
C ARG G 259 -20.31 -5.28 -3.83
N SER G 260 -20.20 -4.59 -2.70
CA SER G 260 -19.51 -3.30 -2.59
C SER G 260 -18.04 -3.19 -3.07
N LYS G 261 -17.26 -4.25 -2.92
CA LYS G 261 -15.86 -4.23 -3.35
C LYS G 261 -15.69 -4.47 -4.85
N ALA G 262 -16.69 -5.07 -5.46
CA ALA G 262 -16.67 -5.36 -6.90
C ALA G 262 -16.68 -4.06 -7.70
N LEU G 263 -15.70 -3.93 -8.60
CA LEU G 263 -15.58 -2.75 -9.44
C LEU G 263 -16.01 -2.96 -10.91
N GLY G 264 -15.97 -1.87 -11.68
CA GLY G 264 -16.33 -1.95 -13.08
C GLY G 264 -17.44 -1.01 -13.47
N SER G 265 -18.01 -0.30 -12.50
CA SER G 265 -19.11 0.62 -12.78
C SER G 265 -19.44 1.51 -11.60
N ASP G 266 -20.23 2.56 -11.87
CA ASP G 266 -20.68 3.51 -10.85
C ASP G 266 -21.64 2.83 -9.89
N HIS G 267 -22.11 1.65 -10.31
CA HIS G 267 -23.01 0.84 -9.50
C HIS G 267 -22.24 -0.43 -9.12
N CYS G 268 -22.67 -1.09 -8.05
CA CYS G 268 -22.04 -2.32 -7.63
C CYS G 268 -23.06 -3.42 -7.85
N PRO G 269 -22.61 -4.68 -7.89
CA PRO G 269 -23.54 -5.78 -8.10
C PRO G 269 -24.27 -6.16 -6.81
N ILE G 270 -25.46 -6.72 -6.97
CA ILE G 270 -26.22 -7.21 -5.82
C ILE G 270 -26.44 -8.66 -6.20
N THR G 271 -26.60 -9.52 -5.20
CA THR G 271 -26.79 -10.94 -5.47
C THR G 271 -27.84 -11.50 -4.52
N LEU G 272 -28.66 -12.41 -5.04
CA LEU G 272 -29.70 -13.04 -4.24
C LEU G 272 -29.53 -14.55 -4.16
N TYR G 273 -29.91 -15.11 -3.02
CA TYR G 273 -29.85 -16.55 -2.77
C TYR G 273 -31.25 -17.05 -2.44
N LEU G 274 -31.68 -18.08 -3.16
CA LEU G 274 -33.01 -18.64 -2.96
C LEU G 274 -32.96 -20.15 -2.90
N ALA G 275 -33.66 -20.71 -1.91
CA ALA G 275 -33.74 -22.15 -1.76
C ALA G 275 -35.08 -22.50 -2.38
N LEU G 276 -35.07 -22.85 -3.66
CA LEU G 276 -36.29 -23.19 -4.38
C LEU G 276 -36.56 -24.68 -4.61
N ALA H 1 37.34 -18.42 13.25
CA ALA H 1 37.64 -17.25 14.13
C ALA H 1 36.90 -17.37 15.46
N LEU H 2 37.42 -16.74 16.51
CA LEU H 2 36.77 -16.75 17.81
C LEU H 2 35.42 -16.01 17.72
N TYR H 3 35.15 -15.43 16.55
CA TYR H 3 33.92 -14.69 16.31
C TYR H 3 33.29 -15.03 14.98
N GLU H 4 31.97 -15.15 15.00
CA GLU H 4 31.18 -15.41 13.81
C GLU H 4 29.88 -14.62 13.96
N ASP H 5 29.81 -13.49 13.25
CA ASP H 5 28.69 -12.57 13.23
C ASP H 5 27.36 -13.25 12.96
N PRO H 6 26.39 -13.11 13.89
CA PRO H 6 25.06 -13.71 13.76
C PRO H 6 24.36 -13.38 12.43
N PRO H 7 23.24 -14.06 12.15
CA PRO H 7 22.47 -13.85 10.91
C PRO H 7 21.93 -12.44 10.79
N ASP H 8 21.35 -12.15 9.63
CA ASP H 8 20.79 -10.84 9.38
C ASP H 8 19.34 -10.81 9.84
N HIS H 9 19.10 -10.11 10.95
CA HIS H 9 17.74 -9.96 11.48
C HIS H 9 17.09 -8.83 10.68
N LYS H 10 16.13 -9.19 9.84
CA LYS H 10 15.47 -8.19 8.99
C LYS H 10 14.11 -7.66 9.46
N THR H 11 13.91 -7.58 10.77
CA THR H 11 12.65 -7.05 11.33
C THR H 11 12.85 -6.29 12.62
N SER H 12 12.17 -5.16 12.73
CA SER H 12 12.21 -4.30 13.91
C SER H 12 11.50 -5.02 15.07
N PRO H 13 11.45 -4.40 16.27
CA PRO H 13 10.78 -5.05 17.39
C PRO H 13 9.29 -5.25 17.07
N SER H 14 8.67 -4.18 16.56
CA SER H 14 7.25 -4.18 16.18
C SER H 14 6.96 -5.14 15.03
N GLY H 15 8.00 -5.80 14.53
CA GLY H 15 7.82 -6.77 13.47
C GLY H 15 7.88 -6.34 12.02
N LYS H 16 7.87 -5.05 11.72
CA LYS H 16 7.92 -4.64 10.31
C LYS H 16 9.32 -4.87 9.72
N PRO H 17 9.39 -5.26 8.44
CA PRO H 17 10.65 -5.53 7.71
C PRO H 17 11.54 -4.34 7.41
N ALA H 18 12.84 -4.61 7.38
CA ALA H 18 13.84 -3.60 7.08
C ALA H 18 13.64 -3.07 5.67
N THR H 19 13.71 -1.75 5.52
CA THR H 19 13.53 -1.11 4.23
C THR H 19 14.82 -0.44 3.75
N LEU H 20 15.72 -0.16 4.69
CA LEU H 20 16.99 0.52 4.37
C LEU H 20 18.22 -0.25 4.80
N LYS H 21 19.18 -0.37 3.88
CA LYS H 21 20.43 -1.06 4.14
C LYS H 21 21.57 -0.09 3.98
N ILE H 22 22.29 0.17 5.06
CA ILE H 22 23.41 1.11 5.06
C ILE H 22 24.77 0.45 5.37
N CYS H 23 25.78 0.78 4.57
CA CYS H 23 27.09 0.19 4.76
C CYS H 23 28.22 1.21 4.86
N SER H 24 29.00 1.08 5.93
CA SER H 24 30.15 1.94 6.19
C SER H 24 31.41 1.08 6.15
N TRP H 25 32.48 1.62 5.57
CA TRP H 25 33.73 0.88 5.44
C TRP H 25 34.96 1.78 5.28
N ASN H 26 35.98 1.53 6.11
CA ASN H 26 37.23 2.28 6.05
C ASN H 26 38.12 1.53 5.05
N VAL H 27 37.87 1.79 3.77
CA VAL H 27 38.56 1.15 2.66
C VAL H 27 40.08 1.19 2.62
N ASP H 28 40.69 2.04 3.44
CA ASP H 28 42.14 2.13 3.48
C ASP H 28 42.70 2.34 2.07
N GLY H 29 42.10 3.28 1.34
CA GLY H 29 42.54 3.55 -0.02
C GLY H 29 41.54 3.05 -1.05
N LEU H 30 40.66 3.94 -1.47
CA LEU H 30 39.62 3.67 -2.46
C LEU H 30 40.12 2.95 -3.70
N ARG H 31 41.15 3.51 -4.33
CA ARG H 31 41.74 2.95 -5.56
C ARG H 31 42.35 1.56 -5.34
N ALA H 32 43.05 1.37 -4.22
CA ALA H 32 43.65 0.09 -3.88
C ALA H 32 42.53 -0.93 -3.69
N TRP H 33 41.60 -0.57 -2.81
CA TRP H 33 40.43 -1.37 -2.46
C TRP H 33 39.72 -1.93 -3.69
N ILE H 34 39.40 -1.06 -4.64
CA ILE H 34 38.73 -1.47 -5.87
C ILE H 34 39.55 -2.55 -6.59
N LYS H 35 40.88 -2.41 -6.52
CA LYS H 35 41.80 -3.37 -7.13
C LYS H 35 41.86 -4.63 -6.29
N LYS H 36 41.45 -4.53 -5.04
CA LYS H 36 41.43 -5.67 -4.15
C LYS H 36 40.03 -6.29 -4.21
N LYS H 37 39.30 -5.88 -5.26
CA LYS H 37 37.94 -6.33 -5.56
C LYS H 37 36.92 -5.95 -4.47
N GLY H 38 37.05 -4.72 -3.95
CA GLY H 38 36.16 -4.26 -2.91
C GLY H 38 34.76 -3.95 -3.41
N LEU H 39 34.68 -3.45 -4.64
CA LEU H 39 33.39 -3.11 -5.24
C LEU H 39 32.59 -4.34 -5.59
N ASP H 40 33.27 -5.45 -5.80
CA ASP H 40 32.58 -6.68 -6.13
C ASP H 40 31.80 -7.18 -4.92
N TRP H 41 32.33 -6.89 -3.74
CA TRP H 41 31.69 -7.29 -2.51
C TRP H 41 30.50 -6.37 -2.27
N VAL H 42 30.74 -5.08 -2.48
CA VAL H 42 29.71 -4.07 -2.28
C VAL H 42 28.52 -4.35 -3.16
N LYS H 43 28.79 -4.69 -4.42
CA LYS H 43 27.76 -5.00 -5.41
C LYS H 43 26.97 -6.25 -5.02
N GLU H 44 27.66 -7.18 -4.39
CA GLU H 44 27.05 -8.44 -3.96
C GLU H 44 26.19 -8.20 -2.71
N GLU H 45 26.68 -7.35 -1.81
CA GLU H 45 25.98 -7.03 -0.57
C GLU H 45 24.87 -6.01 -0.78
N ALA H 46 24.80 -5.50 -2.00
CA ALA H 46 23.81 -4.53 -2.46
C ALA H 46 23.01 -3.66 -1.46
N PRO H 47 23.69 -2.68 -0.83
CA PRO H 47 23.06 -1.78 0.14
C PRO H 47 22.34 -0.63 -0.54
N ASP H 48 21.74 0.26 0.28
CA ASP H 48 21.03 1.42 -0.25
C ASP H 48 21.87 2.68 -0.13
N ILE H 49 22.74 2.72 0.87
CA ILE H 49 23.64 3.85 1.10
C ILE H 49 25.02 3.32 1.43
N LEU H 50 26.03 3.89 0.78
CA LEU H 50 27.41 3.46 1.00
C LEU H 50 28.27 4.60 1.50
N CYS H 51 28.83 4.42 2.70
CA CYS H 51 29.70 5.41 3.32
C CYS H 51 31.11 4.85 3.47
N LEU H 52 32.07 5.49 2.78
CA LEU H 52 33.45 5.06 2.80
C LEU H 52 34.35 6.07 3.47
N GLN H 53 35.41 5.56 4.09
CA GLN H 53 36.37 6.40 4.78
C GLN H 53 37.79 6.09 4.34
N GLU H 54 38.70 7.04 4.56
CA GLU H 54 40.10 6.89 4.15
C GLU H 54 40.19 6.56 2.66
N THR H 55 39.38 7.24 1.85
CA THR H 55 39.33 7.06 0.40
C THR H 55 40.67 7.38 -0.23
N LYS H 56 41.22 8.54 0.10
CA LYS H 56 42.52 8.99 -0.43
C LYS H 56 42.49 9.23 -1.94
N CYS H 57 41.48 9.97 -2.41
CA CYS H 57 41.34 10.26 -3.83
C CYS H 57 41.34 11.75 -4.19
N SER H 58 42.30 12.45 -3.59
CA SER H 58 42.50 13.90 -3.77
C SER H 58 43.25 14.28 -5.05
N GLU H 59 43.38 13.32 -5.97
CA GLU H 59 44.07 13.59 -7.23
C GLU H 59 43.06 14.13 -8.23
N ASN H 60 41.78 14.14 -7.83
CA ASN H 60 40.62 14.60 -8.62
C ASN H 60 40.11 13.51 -9.58
N LYS H 61 40.77 12.35 -9.52
CA LYS H 61 40.46 11.23 -10.36
C LYS H 61 40.10 9.99 -9.56
N LEU H 62 38.79 9.75 -9.45
CA LEU H 62 38.24 8.58 -8.77
C LEU H 62 38.19 7.54 -9.88
N PRO H 63 38.31 6.24 -9.52
CA PRO H 63 38.27 5.18 -10.54
C PRO H 63 37.01 5.19 -11.41
N ALA H 64 37.14 4.69 -12.64
CA ALA H 64 36.05 4.63 -13.60
C ALA H 64 34.82 3.79 -13.15
N GLU H 65 35.09 2.64 -12.54
CA GLU H 65 34.06 1.70 -12.06
C GLU H 65 32.99 2.30 -11.17
N LEU H 66 33.31 3.43 -10.53
CA LEU H 66 32.39 4.11 -9.63
C LEU H 66 31.16 4.69 -10.33
N GLN H 67 31.33 5.02 -11.60
CA GLN H 67 30.22 5.54 -12.41
C GLN H 67 29.35 4.36 -12.85
N GLU H 68 30.01 3.22 -13.00
CA GLU H 68 29.41 1.95 -13.41
C GLU H 68 28.41 1.37 -12.39
N LEU H 69 28.36 1.98 -11.21
CA LEU H 69 27.45 1.52 -10.18
C LEU H 69 26.05 1.98 -10.52
N PRO H 70 25.14 1.03 -10.72
CA PRO H 70 23.75 1.33 -11.08
C PRO H 70 22.96 1.86 -9.90
N GLY H 71 22.97 1.10 -8.80
CA GLY H 71 22.22 1.44 -7.60
C GLY H 71 22.84 2.40 -6.63
N LEU H 72 23.75 3.26 -7.10
CA LEU H 72 24.39 4.26 -6.25
C LEU H 72 24.84 5.47 -7.07
N SER H 73 23.88 6.02 -7.82
CA SER H 73 24.09 7.17 -8.71
C SER H 73 24.42 8.48 -8.02
N HIS H 74 23.68 8.76 -6.95
CA HIS H 74 23.87 9.98 -6.20
C HIS H 74 25.09 9.84 -5.33
N GLN H 75 26.24 10.22 -5.87
CA GLN H 75 27.52 10.13 -5.17
C GLN H 75 28.00 11.50 -4.69
N TYR H 76 28.72 11.50 -3.56
CA TYR H 76 29.24 12.73 -2.94
C TYR H 76 30.57 12.43 -2.26
N TRP H 77 31.62 13.19 -2.59
CA TRP H 77 32.96 12.95 -2.01
C TRP H 77 33.60 14.19 -1.41
N SER H 78 34.36 13.99 -0.33
CA SER H 78 35.03 15.08 0.35
C SER H 78 36.48 14.72 0.54
N ALA H 79 37.35 15.56 0.02
CA ALA H 79 38.79 15.35 0.12
C ALA H 79 39.42 16.49 0.89
N PRO H 80 40.57 16.23 1.54
CA PRO H 80 41.28 17.26 2.30
C PRO H 80 41.69 18.41 1.38
N SER H 81 41.66 19.62 1.92
CA SER H 81 42.00 20.81 1.15
C SER H 81 43.49 21.01 0.82
N ASP H 82 44.36 20.67 1.77
CA ASP H 82 45.80 20.84 1.53
C ASP H 82 46.65 19.62 1.87
N LYS H 83 46.07 18.44 1.74
CA LYS H 83 46.77 17.20 2.01
C LYS H 83 46.47 16.20 0.88
N GLU H 84 47.51 15.82 0.14
CA GLU H 84 47.37 14.89 -0.98
C GLU H 84 47.46 13.42 -0.58
N GLY H 85 46.45 12.64 -0.96
CA GLY H 85 46.45 11.21 -0.64
C GLY H 85 46.30 10.86 0.83
N TYR H 86 45.71 11.79 1.58
CA TYR H 86 45.49 11.59 3.00
C TYR H 86 44.00 11.72 3.30
N SER H 87 43.51 10.87 4.20
CA SER H 87 42.10 10.86 4.63
C SER H 87 41.12 10.73 3.46
N GLY H 88 40.00 11.47 3.55
CA GLY H 88 39.00 11.44 2.51
C GLY H 88 37.86 10.51 2.86
N VAL H 89 36.64 10.94 2.52
CA VAL H 89 35.45 10.16 2.79
C VAL H 89 34.50 10.24 1.60
N GLY H 90 33.59 9.26 1.50
CA GLY H 90 32.63 9.24 0.41
C GLY H 90 31.29 8.69 0.83
N LEU H 91 30.23 9.15 0.17
CA LEU H 91 28.87 8.70 0.46
C LEU H 91 28.09 8.56 -0.84
N LEU H 92 27.71 7.33 -1.14
CA LEU H 92 26.97 6.99 -2.34
C LEU H 92 25.59 6.53 -1.92
N SER H 93 24.56 7.18 -2.44
CA SER H 93 23.20 6.82 -2.10
C SER H 93 22.37 6.52 -3.32
N ARG H 94 21.61 5.42 -3.23
CA ARG H 94 20.72 4.98 -4.31
C ARG H 94 19.60 5.98 -4.52
N GLN H 95 18.96 6.36 -3.41
CA GLN H 95 17.87 7.32 -3.42
C GLN H 95 18.39 8.75 -3.53
N CYS H 96 17.45 9.69 -3.64
CA CYS H 96 17.74 11.11 -3.75
C CYS H 96 17.64 11.84 -2.41
N PRO H 97 18.81 12.20 -1.82
CA PRO H 97 18.87 12.91 -0.54
C PRO H 97 18.30 14.32 -0.71
N LEU H 98 17.49 14.77 0.26
CA LEU H 98 16.90 16.10 0.16
C LEU H 98 17.97 17.19 0.18
N LYS H 99 19.08 16.90 0.87
CA LYS H 99 20.20 17.83 0.98
C LYS H 99 21.51 17.09 1.26
N VAL H 100 22.63 17.75 0.92
CA VAL H 100 23.97 17.21 1.15
C VAL H 100 24.94 18.37 1.33
N SER H 101 25.59 18.39 2.48
CA SER H 101 26.57 19.41 2.82
C SER H 101 27.79 18.74 3.44
N TYR H 102 28.90 19.47 3.50
CA TYR H 102 30.12 18.93 4.06
C TYR H 102 30.56 19.64 5.35
N GLY H 103 31.43 18.99 6.12
CA GLY H 103 31.94 19.56 7.36
C GLY H 103 30.99 19.69 8.55
N ILE H 104 31.54 20.13 9.68
CA ILE H 104 30.77 20.33 10.91
C ILE H 104 30.67 21.81 11.30
N GLY H 105 30.74 22.69 10.30
CA GLY H 105 30.64 24.12 10.54
C GLY H 105 31.78 24.75 11.33
N ASP H 106 32.98 24.19 11.19
CA ASP H 106 34.14 24.71 11.88
C ASP H 106 35.37 24.47 11.01
N GLU H 107 35.70 25.49 10.24
CA GLU H 107 36.82 25.49 9.30
C GLU H 107 38.09 24.83 9.78
N GLU H 108 38.40 24.95 11.07
CA GLU H 108 39.62 24.34 11.58
C GLU H 108 39.48 22.83 11.69
N HIS H 109 38.31 22.33 11.34
CA HIS H 109 38.02 20.91 11.37
C HIS H 109 37.57 20.44 10.00
N ASP H 110 37.07 21.39 9.22
CA ASP H 110 36.59 21.13 7.87
C ASP H 110 37.72 21.28 6.85
N GLN H 111 38.92 20.86 7.26
CA GLN H 111 40.11 20.95 6.41
C GLN H 111 40.60 19.62 5.84
N GLU H 112 40.35 18.54 6.56
CA GLU H 112 40.79 17.21 6.15
C GLU H 112 39.69 16.30 5.55
N GLY H 113 38.58 16.90 5.10
CA GLY H 113 37.48 16.14 4.51
C GLY H 113 37.13 14.87 5.25
N ARG H 114 36.60 15.02 6.46
CA ARG H 114 36.25 13.86 7.27
C ARG H 114 34.76 13.61 7.43
N VAL H 115 33.97 14.67 7.33
CA VAL H 115 32.51 14.57 7.51
C VAL H 115 31.69 14.94 6.29
N ILE H 116 30.61 14.18 6.05
CA ILE H 116 29.68 14.41 4.96
C ILE H 116 28.28 14.23 5.52
N VAL H 117 27.47 15.29 5.50
CA VAL H 117 26.10 15.20 6.02
C VAL H 117 25.08 15.17 4.89
N ALA H 118 24.35 14.07 4.78
CA ALA H 118 23.33 13.92 3.74
C ALA H 118 21.96 13.75 4.38
N GLU H 119 21.10 14.73 4.14
CA GLU H 119 19.75 14.73 4.72
C GLU H 119 18.72 13.92 3.93
N PHE H 120 17.77 13.34 4.66
CA PHE H 120 16.69 12.55 4.08
C PHE H 120 15.34 12.94 4.67
N ASP H 121 14.32 12.28 4.16
CA ASP H 121 12.92 12.50 4.55
C ASP H 121 12.61 11.98 5.96
N SER H 122 13.07 10.76 6.24
CA SER H 122 12.84 10.11 7.52
C SER H 122 13.92 10.34 8.59
N PHE H 123 15.16 10.58 8.18
CA PHE H 123 16.27 10.79 9.12
C PHE H 123 17.41 11.67 8.58
N VAL H 124 18.54 11.66 9.31
CA VAL H 124 19.73 12.43 8.96
C VAL H 124 20.95 11.52 9.02
N LEU H 125 21.55 11.22 7.88
CA LEU H 125 22.74 10.36 7.87
C LEU H 125 24.04 11.11 7.80
N VAL H 126 24.87 10.88 8.80
CA VAL H 126 26.17 11.50 8.92
C VAL H 126 27.26 10.43 8.99
N THR H 127 28.13 10.43 8.00
CA THR H 127 29.24 9.49 7.93
C THR H 127 30.51 10.25 8.29
N ALA H 128 31.41 9.62 9.04
CA ALA H 128 32.66 10.30 9.42
C ALA H 128 33.93 9.46 9.62
N TYR H 129 35.05 10.17 9.53
CA TYR H 129 36.38 9.58 9.72
C TYR H 129 37.06 10.41 10.81
N VAL H 130 36.82 10.04 12.06
CA VAL H 130 37.36 10.72 13.23
C VAL H 130 38.89 10.69 13.31
N PRO H 131 39.51 11.85 13.61
CA PRO H 131 40.95 12.06 13.74
C PRO H 131 41.64 11.04 14.62
N ASN H 132 42.79 10.57 14.13
CA ASN H 132 43.60 9.61 14.85
C ASN H 132 44.51 10.43 15.76
N ALA H 133 44.69 9.98 17.01
CA ALA H 133 45.55 10.69 17.95
C ALA H 133 47.05 10.51 17.70
N GLY H 134 47.39 9.55 16.83
CA GLY H 134 48.78 9.29 16.50
C GLY H 134 49.58 8.55 17.56
N ARG H 135 50.63 7.87 17.14
CA ARG H 135 51.51 7.14 18.05
C ARG H 135 52.07 8.17 19.02
N GLY H 136 52.08 7.84 20.29
CA GLY H 136 52.59 8.78 21.28
C GLY H 136 51.56 9.86 21.57
N LEU H 137 50.35 9.69 21.06
CA LEU H 137 49.23 10.61 21.27
C LEU H 137 49.58 12.07 20.99
N VAL H 138 50.50 12.26 20.06
CA VAL H 138 50.98 13.58 19.64
C VAL H 138 49.88 14.54 19.21
N ARG H 139 48.71 14.00 18.86
CA ARG H 139 47.61 14.83 18.42
C ARG H 139 46.40 14.61 19.33
N LEU H 140 46.66 14.14 20.56
CA LEU H 140 45.59 13.90 21.52
C LEU H 140 44.95 15.21 21.95
N GLU H 141 45.79 16.17 22.31
CA GLU H 141 45.32 17.48 22.76
C GLU H 141 44.30 18.00 21.75
N TYR H 142 44.54 17.76 20.47
CA TYR H 142 43.65 18.19 19.40
C TYR H 142 42.38 17.35 19.29
N ARG H 143 42.53 16.03 19.36
CA ARG H 143 41.39 15.12 19.26
C ARG H 143 40.32 15.43 20.32
N GLN H 144 40.76 15.86 21.49
CA GLN H 144 39.84 16.20 22.59
C GLN H 144 39.05 17.46 22.28
N ARG H 145 39.55 18.25 21.33
CA ARG H 145 38.89 19.47 20.88
C ARG H 145 37.90 19.05 19.81
N TRP H 146 38.31 18.10 18.98
CA TRP H 146 37.47 17.58 17.91
C TRP H 146 36.20 16.99 18.52
N ASP H 147 36.38 15.93 19.30
CA ASP H 147 35.28 15.22 19.94
C ASP H 147 34.21 16.18 20.45
N GLU H 148 34.65 17.22 21.16
CA GLU H 148 33.75 18.22 21.72
C GLU H 148 32.98 18.94 20.62
N ALA H 149 33.73 19.59 19.72
CA ALA H 149 33.14 20.33 18.62
C ALA H 149 32.22 19.45 17.78
N PHE H 150 32.59 18.18 17.64
CA PHE H 150 31.82 17.20 16.87
C PHE H 150 30.48 16.86 17.50
N ARG H 151 30.46 16.57 18.80
CA ARG H 151 29.20 16.25 19.47
C ARG H 151 28.28 17.46 19.48
N LYS H 152 28.85 18.64 19.74
CA LYS H 152 28.07 19.88 19.77
C LYS H 152 27.33 20.04 18.45
N PHE H 153 28.00 19.70 17.36
CA PHE H 153 27.40 19.83 16.04
C PHE H 153 26.28 18.83 15.83
N LEU H 154 26.58 17.55 16.10
CA LEU H 154 25.63 16.47 15.94
C LEU H 154 24.36 16.69 16.75
N LYS H 155 24.53 17.24 17.95
CA LYS H 155 23.42 17.55 18.85
C LYS H 155 22.48 18.51 18.11
N GLY H 156 23.07 19.50 17.45
CA GLY H 156 22.33 20.48 16.69
C GLY H 156 21.60 19.90 15.50
N LEU H 157 22.08 18.76 14.99
CA LEU H 157 21.40 18.12 13.87
C LEU H 157 20.25 17.30 14.43
N ALA H 158 20.56 16.50 15.45
CA ALA H 158 19.59 15.63 16.12
C ALA H 158 18.37 16.39 16.59
N SER H 159 18.61 17.49 17.27
CA SER H 159 17.53 18.32 17.82
C SER H 159 16.49 18.77 16.82
N ARG H 160 16.85 18.79 15.54
CA ARG H 160 15.93 19.21 14.50
C ARG H 160 15.25 18.03 13.80
N LYS H 161 15.95 16.89 13.76
CA LYS H 161 15.48 15.65 13.14
C LYS H 161 16.41 14.50 13.61
N PRO H 162 15.88 13.27 13.74
CA PRO H 162 16.64 12.08 14.18
C PRO H 162 17.96 11.90 13.44
N LEU H 163 18.95 11.36 14.14
CA LEU H 163 20.27 11.16 13.57
C LEU H 163 20.74 9.72 13.48
N VAL H 164 21.66 9.47 12.55
CA VAL H 164 22.28 8.18 12.33
C VAL H 164 23.72 8.53 12.02
N LEU H 165 24.65 7.96 12.76
CA LEU H 165 26.07 8.24 12.58
C LEU H 165 26.82 6.96 12.26
N CYS H 166 27.68 6.99 11.26
CA CYS H 166 28.44 5.81 10.89
C CYS H 166 29.84 6.16 10.45
N GLY H 167 30.74 5.18 10.52
CA GLY H 167 32.12 5.39 10.11
C GLY H 167 33.19 5.07 11.15
N ASP H 168 34.44 5.27 10.75
CA ASP H 168 35.60 5.04 11.61
C ASP H 168 35.62 6.18 12.61
N LEU H 169 35.06 5.93 13.80
CA LEU H 169 35.01 6.92 14.86
C LEU H 169 36.32 6.93 15.63
N ASN H 170 37.19 6.01 15.24
CA ASN H 170 38.53 5.86 15.79
C ASN H 170 38.62 5.81 17.29
N VAL H 171 37.92 4.83 17.88
CA VAL H 171 37.91 4.63 19.33
C VAL H 171 37.19 3.36 19.77
N ALA H 172 37.78 2.66 20.72
CA ALA H 172 37.19 1.45 21.29
C ALA H 172 36.60 1.89 22.63
N HIS H 173 35.29 2.09 22.66
CA HIS H 173 34.61 2.54 23.86
C HIS H 173 34.96 1.78 25.13
N GLU H 174 34.33 0.62 25.36
CA GLU H 174 34.61 -0.18 26.55
C GLU H 174 35.68 -1.24 26.28
N GLU H 175 36.20 -1.86 27.35
CA GLU H 175 37.25 -2.89 27.24
C GLU H 175 36.88 -4.09 26.38
N ILE H 176 35.63 -4.17 25.97
CA ILE H 176 35.13 -5.27 25.15
C ILE H 176 35.35 -5.03 23.65
N ASP H 177 35.50 -3.76 23.28
CA ASP H 177 35.67 -3.36 21.90
C ASP H 177 37.08 -3.54 21.35
N LEU H 178 37.89 -4.34 22.04
CA LEU H 178 39.26 -4.61 21.62
C LEU H 178 39.83 -5.79 22.37
N ARG H 179 40.82 -6.42 21.76
CA ARG H 179 41.47 -7.60 22.33
C ARG H 179 42.32 -7.33 23.56
N ASN H 180 43.29 -6.43 23.45
CA ASN H 180 44.19 -6.10 24.58
C ASN H 180 43.84 -4.75 25.23
N PRO H 181 42.83 -4.72 26.12
CA PRO H 181 42.42 -3.49 26.79
C PRO H 181 43.50 -2.95 27.71
N LYS H 182 43.94 -3.78 28.66
CA LYS H 182 44.97 -3.37 29.63
C LYS H 182 46.27 -2.96 28.92
N GLY H 183 46.53 -3.56 27.75
CA GLY H 183 47.73 -3.26 27.01
C GLY H 183 47.72 -1.90 26.33
N ASN H 184 46.68 -1.66 25.53
CA ASN H 184 46.56 -0.41 24.80
C ASN H 184 45.96 0.80 25.52
N LYS H 185 46.12 0.85 26.84
CA LYS H 185 45.60 1.96 27.62
C LYS H 185 46.29 3.26 27.21
N LYS H 186 47.55 3.15 26.79
CA LYS H 186 48.35 4.32 26.37
C LYS H 186 48.42 4.48 24.85
N ASN H 187 48.06 3.42 24.13
CA ASN H 187 48.04 3.44 22.68
C ASN H 187 46.84 4.29 22.27
N ALA H 188 46.95 4.96 21.13
CA ALA H 188 45.86 5.79 20.62
C ALA H 188 44.65 4.95 20.26
N GLY H 189 43.47 5.53 20.47
CA GLY H 189 42.23 4.84 20.16
C GLY H 189 41.57 4.19 21.36
N PHE H 190 42.30 4.09 22.46
CA PHE H 190 41.77 3.50 23.69
C PHE H 190 42.21 4.26 24.93
N THR H 191 42.57 5.52 24.74
CA THR H 191 43.00 6.37 25.83
C THR H 191 41.77 6.82 26.62
N PRO H 192 41.94 7.12 27.92
CA PRO H 192 40.84 7.57 28.80
C PRO H 192 40.06 8.74 28.19
N GLN H 193 40.79 9.78 27.80
CA GLN H 193 40.24 10.97 27.20
C GLN H 193 39.32 10.64 26.02
N GLU H 194 39.71 9.70 25.17
CA GLU H 194 38.90 9.31 24.02
C GLU H 194 37.68 8.55 24.47
N ARG H 195 37.88 7.52 25.28
CA ARG H 195 36.77 6.71 25.78
C ARG H 195 35.69 7.61 26.43
N GLN H 196 36.12 8.54 27.28
CA GLN H 196 35.19 9.47 27.93
C GLN H 196 34.53 10.27 26.82
N GLY H 197 35.36 10.77 25.90
CA GLY H 197 34.87 11.54 24.79
C GLY H 197 33.77 10.80 24.06
N PHE H 198 33.90 9.48 23.98
CA PHE H 198 32.89 8.67 23.32
C PHE H 198 31.60 8.67 24.14
N GLY H 199 31.74 8.56 25.45
CA GLY H 199 30.58 8.57 26.33
C GLY H 199 29.93 9.94 26.38
N GLU H 200 30.76 10.96 26.20
CA GLU H 200 30.28 12.34 26.22
C GLU H 200 29.40 12.55 25.00
N LEU H 201 29.86 12.07 23.84
CA LEU H 201 29.14 12.19 22.57
C LEU H 201 27.78 11.51 22.65
N LEU H 202 27.78 10.29 23.19
CA LEU H 202 26.57 9.50 23.35
C LEU H 202 25.50 10.18 24.19
N GLN H 203 25.91 10.73 25.35
CA GLN H 203 24.98 11.39 26.25
C GLN H 203 24.52 12.73 25.69
N ALA H 204 25.45 13.46 25.09
CA ALA H 204 25.19 14.77 24.53
C ALA H 204 24.15 14.85 23.41
N VAL H 205 24.27 13.99 22.40
CA VAL H 205 23.35 14.04 21.27
C VAL H 205 21.84 13.91 21.51
N PRO H 206 21.37 12.74 22.01
CA PRO H 206 22.08 11.51 22.35
C PRO H 206 22.04 10.50 21.20
N LEU H 207 22.94 9.52 21.27
CA LEU H 207 23.04 8.47 20.26
C LEU H 207 23.17 7.12 20.94
N ALA H 208 22.82 6.07 20.22
CA ALA H 208 22.90 4.73 20.76
C ALA H 208 23.84 3.88 19.90
N ASP H 209 24.64 3.05 20.55
CA ASP H 209 25.55 2.16 19.85
C ASP H 209 24.67 1.00 19.38
N SER H 210 24.17 1.13 18.15
CA SER H 210 23.29 0.13 17.56
C SER H 210 23.72 -1.33 17.76
N PHE H 211 25.00 -1.61 17.59
CA PHE H 211 25.48 -2.97 17.77
C PHE H 211 25.47 -3.39 19.23
N ARG H 212 26.20 -2.64 20.07
CA ARG H 212 26.29 -2.93 21.49
C ARG H 212 24.93 -3.04 22.19
N HIS H 213 23.99 -2.20 21.76
CA HIS H 213 22.65 -2.21 22.31
C HIS H 213 22.03 -3.60 22.13
N LEU H 214 22.14 -4.12 20.90
CA LEU H 214 21.64 -5.44 20.52
C LEU H 214 22.45 -6.56 21.17
N TYR H 215 23.77 -6.49 21.04
CA TYR H 215 24.66 -7.50 21.60
C TYR H 215 25.52 -6.88 22.71
N PRO H 216 24.94 -6.73 23.92
CA PRO H 216 25.61 -6.15 25.08
C PRO H 216 26.77 -6.93 25.68
N ASN H 217 26.71 -8.26 25.66
CA ASN H 217 27.76 -9.10 26.24
C ASN H 217 28.54 -9.93 25.24
N THR H 218 28.45 -9.60 23.95
CA THR H 218 29.16 -10.34 22.90
C THR H 218 30.60 -9.79 22.69
N PRO H 219 31.62 -10.55 23.11
CA PRO H 219 33.02 -10.14 22.97
C PRO H 219 33.67 -10.56 21.66
N TYR H 220 34.85 -9.99 21.40
CA TYR H 220 35.64 -10.30 20.23
C TYR H 220 35.03 -9.87 18.91
N ALA H 221 34.06 -8.96 19.01
CA ALA H 221 33.38 -8.41 17.84
C ALA H 221 34.20 -7.17 17.44
N TYR H 222 35.16 -7.38 16.54
CA TYR H 222 36.05 -6.31 16.11
C TYR H 222 35.88 -5.91 14.63
N THR H 223 36.27 -4.68 14.29
CA THR H 223 36.14 -4.17 12.92
C THR H 223 37.47 -3.84 12.22
N PHE H 224 38.54 -3.66 12.99
CA PHE H 224 39.86 -3.35 12.45
C PHE H 224 40.94 -4.20 13.11
N TRP H 225 41.90 -4.64 12.32
CA TRP H 225 43.04 -5.42 12.82
C TRP H 225 44.25 -4.85 12.10
N THR H 226 45.37 -4.71 12.81
CA THR H 226 46.57 -4.16 12.18
C THR H 226 47.21 -5.17 11.21
N TYR H 227 47.72 -4.65 10.10
CA TYR H 227 48.37 -5.47 9.09
C TYR H 227 49.60 -6.17 9.69
N MET H 228 50.15 -5.58 10.75
CA MET H 228 51.32 -6.13 11.42
C MET H 228 51.00 -7.44 12.11
N MET H 229 52.03 -8.28 12.22
CA MET H 229 51.96 -9.55 12.91
C MET H 229 50.66 -10.36 12.78
N ASN H 230 50.19 -10.55 11.55
CA ASN H 230 48.99 -11.34 11.23
C ASN H 230 47.85 -11.24 12.25
N ALA H 231 47.51 -10.02 12.64
CA ALA H 231 46.45 -9.79 13.61
C ALA H 231 45.08 -10.29 13.17
N ARG H 232 44.67 -9.96 11.95
CA ARG H 232 43.35 -10.36 11.46
C ARG H 232 43.19 -11.88 11.40
N SER H 233 44.29 -12.59 11.18
CA SER H 233 44.29 -14.05 11.11
C SER H 233 44.27 -14.66 12.52
N LYS H 234 44.44 -13.81 13.51
CA LYS H 234 44.43 -14.21 14.91
C LYS H 234 43.28 -13.52 15.64
N ASN H 235 42.63 -12.59 14.94
CA ASN H 235 41.51 -11.79 15.44
C ASN H 235 41.87 -10.95 16.65
N VAL H 236 43.00 -10.27 16.54
CA VAL H 236 43.48 -9.38 17.58
C VAL H 236 43.13 -8.00 17.02
N GLY H 237 41.84 -7.67 17.11
CA GLY H 237 41.36 -6.40 16.59
C GLY H 237 40.64 -5.42 17.49
N TRP H 238 40.33 -4.27 16.89
CA TRP H 238 39.66 -3.17 17.55
C TRP H 238 38.29 -2.99 16.88
N ARG H 239 37.33 -2.46 17.63
CA ARG H 239 36.00 -2.22 17.09
C ARG H 239 35.89 -0.70 16.97
N LEU H 240 36.41 -0.17 15.86
CA LEU H 240 36.41 1.26 15.63
C LEU H 240 35.25 1.82 14.79
N ASP H 241 34.72 1.00 13.89
CA ASP H 241 33.61 1.43 13.03
C ASP H 241 32.24 1.24 13.73
N TYR H 242 31.49 2.33 13.85
CA TYR H 242 30.19 2.28 14.52
C TYR H 242 29.00 2.76 13.69
N PHE H 243 27.85 2.66 14.35
CA PHE H 243 26.55 3.09 13.85
C PHE H 243 25.90 3.60 15.11
N LEU H 244 25.81 4.92 15.22
CA LEU H 244 25.20 5.53 16.38
C LEU H 244 23.90 6.12 15.91
N LEU H 245 22.87 6.03 16.74
CA LEU H 245 21.60 6.62 16.34
C LEU H 245 20.72 7.12 17.47
N SER H 246 19.87 8.08 17.13
CA SER H 246 18.97 8.67 18.10
C SER H 246 18.07 7.59 18.69
N HIS H 247 17.97 7.59 20.01
CA HIS H 247 17.18 6.62 20.72
C HIS H 247 15.80 6.41 20.11
N SER H 248 15.22 7.47 19.57
CA SER H 248 13.90 7.37 18.96
C SER H 248 13.91 6.50 17.69
N LEU H 249 15.10 6.22 17.18
CA LEU H 249 15.27 5.37 15.99
C LEU H 249 15.45 3.92 16.37
N LEU H 250 15.80 3.66 17.63
CA LEU H 250 15.99 2.28 18.09
C LEU H 250 14.85 1.35 17.73
N PRO H 251 13.58 1.82 17.76
CA PRO H 251 12.45 0.96 17.41
C PRO H 251 12.40 0.61 15.92
N ALA H 252 13.24 1.27 15.13
CA ALA H 252 13.37 1.05 13.69
C ALA H 252 14.58 0.15 13.39
N LEU H 253 15.42 -0.05 14.41
CA LEU H 253 16.62 -0.86 14.33
C LEU H 253 16.33 -2.35 14.19
N CYS H 254 16.68 -2.90 13.04
CA CYS H 254 16.46 -4.31 12.74
C CYS H 254 17.70 -5.14 13.01
N ASP H 255 18.87 -4.54 12.79
CA ASP H 255 20.13 -5.24 13.03
C ASP H 255 21.32 -4.41 12.60
N SER H 256 22.42 -4.57 13.35
CA SER H 256 23.69 -3.88 13.13
C SER H 256 24.73 -5.00 12.98
N LYS H 257 25.19 -5.24 11.76
CA LYS H 257 26.13 -6.33 11.51
C LYS H 257 27.59 -5.95 11.28
N ILE H 258 28.49 -6.89 11.57
CA ILE H 258 29.95 -6.71 11.40
C ILE H 258 30.46 -7.73 10.39
N ARG H 259 30.64 -7.32 9.15
CA ARG H 259 31.09 -8.23 8.10
C ARG H 259 32.55 -8.65 8.24
N SER H 260 32.82 -9.43 9.28
CA SER H 260 34.17 -9.92 9.60
C SER H 260 34.93 -10.58 8.44
N LYS H 261 34.21 -11.03 7.42
CA LYS H 261 34.83 -11.71 6.29
C LYS H 261 35.29 -10.87 5.11
N ALA H 262 34.80 -9.63 5.00
CA ALA H 262 35.16 -8.77 3.87
C ALA H 262 36.59 -8.21 3.93
N LEU H 263 37.42 -8.75 3.04
CA LEU H 263 38.83 -8.39 2.94
C LEU H 263 39.10 -7.24 1.96
N GLY H 264 40.35 -6.75 1.96
CA GLY H 264 40.73 -5.67 1.06
C GLY H 264 41.00 -4.35 1.75
N SER H 265 41.27 -4.44 3.05
CA SER H 265 41.54 -3.27 3.88
C SER H 265 41.92 -3.75 5.27
N ASP H 266 42.41 -2.83 6.11
CA ASP H 266 42.74 -3.17 7.48
C ASP H 266 41.46 -3.11 8.31
N HIS H 267 40.41 -2.56 7.71
CA HIS H 267 39.09 -2.44 8.32
C HIS H 267 38.11 -3.27 7.49
N CYS H 268 37.05 -3.74 8.13
CA CYS H 268 36.02 -4.51 7.46
C CYS H 268 34.74 -3.69 7.53
N PRO H 269 33.75 -4.00 6.68
CA PRO H 269 32.49 -3.26 6.68
C PRO H 269 31.51 -3.63 7.78
N ILE H 270 30.53 -2.74 7.95
CA ILE H 270 29.48 -2.89 8.95
C ILE H 270 28.19 -2.46 8.27
N THR H 271 27.12 -3.22 8.47
CA THR H 271 25.84 -2.94 7.82
C THR H 271 24.66 -2.73 8.76
N LEU H 272 23.93 -1.64 8.54
CA LEU H 272 22.78 -1.28 9.35
C LEU H 272 21.46 -1.62 8.66
N TYR H 273 20.51 -2.12 9.44
CA TYR H 273 19.21 -2.47 8.92
C TYR H 273 18.15 -1.63 9.59
N LEU H 274 17.43 -0.83 8.80
CA LEU H 274 16.39 0.04 9.33
C LEU H 274 15.00 -0.22 8.78
N ALA H 275 14.01 -0.09 9.67
CA ALA H 275 12.60 -0.27 9.30
C ALA H 275 11.99 1.13 9.32
N LEU H 276 12.11 1.84 8.19
CA LEU H 276 11.63 3.21 8.02
C LEU H 276 10.30 3.40 7.30
MN MN I . -25.68 5.15 -14.65
MN MN J . 43.78 3.40 8.48
#